data_3LNJ
#
_entry.id   3LNJ
#
_cell.length_a   68.976
_cell.length_b   213.478
_cell.length_c   45.536
_cell.angle_alpha   90.00
_cell.angle_beta   90.00
_cell.angle_gamma   90.00
#
_symmetry.space_group_name_H-M   'C 2 2 21'
#
loop_
_entity.id
_entity.type
_entity.pdbx_description
1 polymer 'E3 ubiquitin-protein ligase Mdm2'
2 polymer 'D-peptide inhibitor'
3 non-polymer 'SULFATE ION'
4 non-polymer 'CHLORIDE ION'
5 non-polymer GLYCEROL
6 water water
#
loop_
_entity_poly.entity_id
_entity_poly.type
_entity_poly.pdbx_seq_one_letter_code
_entity_poly.pdbx_strand_id
1 'polypeptide(L)'
;ETLVRPKPLLLKLLKSVGAQKDTYTMKEVLFYLGQYIMTKRLYDEKQQHIVYCSNDLLGDLFGVPSFSVKEHRKIYTMIY
RNLVV
;
A,C,E
2 'polypeptide(L)' (DTH)(DSG)(DTR)(DTY)(DAL)(DSG)(DLE)(DGL)(DLY)(DLE)(DLE)(DAR) B,D,F
#
# COMPACT_ATOMS: atom_id res chain seq x y z
N THR A 2 4.98 -3.40 -0.53
CA THR A 2 5.25 -2.27 0.46
C THR A 2 5.93 -2.73 1.75
N LEU A 3 7.12 -2.20 2.03
CA LEU A 3 7.82 -2.47 3.30
C LEU A 3 7.94 -1.16 4.08
N VAL A 4 7.96 -1.28 5.42
CA VAL A 4 8.02 -0.16 6.30
C VAL A 4 9.34 -0.26 7.06
N ARG A 5 9.80 0.89 7.54
CA ARG A 5 11.09 1.06 8.20
C ARG A 5 10.90 1.56 9.64
N PRO A 6 11.03 0.65 10.61
CA PRO A 6 10.81 1.04 12.01
C PRO A 6 11.80 2.12 12.47
N LYS A 7 11.37 3.13 13.22
CA LYS A 7 12.36 4.12 13.71
C LYS A 7 13.36 3.38 14.64
N PRO A 8 14.47 4.02 15.03
CA PRO A 8 15.43 3.21 15.80
C PRO A 8 14.98 2.54 17.06
N LEU A 9 14.08 3.10 17.86
CA LEU A 9 13.79 2.41 19.15
C LEU A 9 12.85 1.24 18.96
N LEU A 10 11.99 1.38 17.98
CA LEU A 10 11.06 0.28 17.73
C LEU A 10 11.86 -0.82 17.07
N LEU A 11 12.82 -0.43 16.24
CA LEU A 11 13.76 -1.43 15.68
C LEU A 11 14.44 -2.27 16.79
N LYS A 12 15.11 -1.60 17.71
CA LYS A 12 15.66 -2.32 18.84
C LYS A 12 14.61 -3.24 19.56
N LEU A 13 13.46 -2.73 19.85
CA LEU A 13 12.37 -3.53 20.39
C LEU A 13 12.04 -4.75 19.52
N LEU A 14 11.90 -4.54 18.19
CA LEU A 14 11.60 -5.63 17.31
C LEU A 14 12.73 -6.68 17.35
N LYS A 15 13.97 -6.26 17.27
CA LYS A 15 15.09 -7.22 17.27
C LYS A 15 15.22 -8.04 18.54
N SER A 16 14.67 -7.54 19.67
CA SER A 16 14.91 -8.13 20.97
C SER A 16 14.06 -9.39 21.09
N VAL A 17 13.13 -9.58 20.16
CA VAL A 17 12.35 -10.82 20.04
C VAL A 17 12.51 -11.47 18.68
N GLY A 18 13.61 -11.20 18.01
CA GLY A 18 13.95 -12.08 16.93
C GLY A 18 13.89 -11.62 15.49
N ALA A 19 13.50 -10.38 15.23
CA ALA A 19 13.56 -9.74 13.92
C ALA A 19 14.99 -9.41 13.55
N GLN A 20 15.31 -9.29 12.25
CA GLN A 20 16.73 -9.25 11.79
C GLN A 20 17.11 -8.19 10.78
N LYS A 21 16.12 -7.59 10.17
CA LYS A 21 16.41 -6.65 9.08
C LYS A 21 16.09 -5.26 9.54
N ASP A 22 16.19 -4.35 8.59
CA ASP A 22 15.82 -2.97 8.74
C ASP A 22 14.39 -2.70 8.23
N THR A 23 13.89 -3.49 7.30
CA THR A 23 12.60 -3.25 6.74
C THR A 23 11.74 -4.52 6.84
N TYR A 24 10.42 -4.32 7.00
CA TYR A 24 9.43 -5.36 7.30
C TYR A 24 8.11 -5.06 6.56
N THR A 25 7.34 -6.10 6.31
CA THR A 25 6.00 -5.97 5.85
C THR A 25 5.30 -5.60 7.11
N MET A 26 4.07 -5.08 7.00
CA MET A 26 3.37 -4.73 8.25
C MET A 26 3.04 -5.96 9.04
N LYS A 27 2.69 -7.03 8.32
CA LYS A 27 2.51 -8.37 8.92
C LYS A 27 3.70 -8.79 9.79
N GLU A 28 4.92 -8.57 9.34
CA GLU A 28 6.07 -8.96 10.17
C GLU A 28 6.06 -8.13 11.45
N VAL A 29 5.81 -6.81 11.34
CA VAL A 29 5.79 -5.92 12.47
C VAL A 29 4.75 -6.35 13.53
N LEU A 30 3.53 -6.70 13.09
CA LEU A 30 2.54 -7.18 14.06
C LEU A 30 3.00 -8.47 14.74
N PHE A 31 3.63 -9.33 13.95
CA PHE A 31 4.03 -10.61 14.48
C PHE A 31 4.95 -10.37 15.64
N TYR A 32 5.89 -9.44 15.48
CA TYR A 32 6.93 -9.23 16.50
C TYR A 32 6.40 -8.44 17.69
N LEU A 33 5.39 -7.61 17.46
CA LEU A 33 4.72 -6.84 18.47
C LEU A 33 4.03 -7.88 19.33
N GLY A 34 3.29 -8.80 18.73
CA GLY A 34 2.62 -9.86 19.52
C GLY A 34 3.62 -10.72 20.29
N GLN A 35 4.74 -11.09 19.67
CA GLN A 35 5.76 -11.84 20.43
C GLN A 35 6.28 -11.10 21.63
N TYR A 36 6.43 -9.79 21.47
CA TYR A 36 7.03 -8.94 22.51
C TYR A 36 6.08 -8.84 23.69
N ILE A 37 4.83 -8.57 23.41
CA ILE A 37 3.83 -8.50 24.47
C ILE A 37 3.70 -9.87 25.12
N MET A 38 3.72 -10.93 24.36
CA MET A 38 3.74 -12.21 25.00
C MET A 38 4.91 -12.48 25.92
N THR A 39 6.12 -12.43 25.38
CA THR A 39 7.26 -12.91 26.15
C THR A 39 7.45 -12.02 27.42
N LYS A 40 7.09 -10.75 27.32
CA LYS A 40 7.23 -9.89 28.46
C LYS A 40 6.04 -9.95 29.43
N ARG A 41 4.99 -10.68 29.08
CA ARG A 41 3.76 -10.79 29.94
C ARG A 41 3.12 -9.40 30.29
N LEU A 42 2.96 -8.55 29.31
CA LEU A 42 2.48 -7.24 29.62
C LEU A 42 0.94 -7.24 29.62
N TYR A 43 0.31 -8.40 29.39
CA TYR A 43 -1.14 -8.39 29.29
C TYR A 43 -1.83 -8.67 30.66
N ASP A 44 -3.09 -8.35 30.77
CA ASP A 44 -3.79 -8.71 32.00
C ASP A 44 -4.04 -10.24 31.95
N GLU A 45 -3.66 -10.99 33.01
CA GLU A 45 -3.96 -12.45 33.09
C GLU A 45 -5.47 -12.83 32.89
N LYS A 46 -6.32 -12.06 33.57
CA LYS A 46 -7.78 -12.24 33.56
C LYS A 46 -8.53 -11.63 32.37
N GLN A 47 -7.91 -10.68 31.64
CA GLN A 47 -8.54 -9.97 30.50
C GLN A 47 -7.43 -9.83 29.47
N GLN A 48 -7.26 -10.89 28.70
CA GLN A 48 -5.94 -11.12 28.13
C GLN A 48 -5.69 -10.22 26.98
N HIS A 49 -6.73 -9.56 26.52
CA HIS A 49 -6.63 -8.61 25.44
C HIS A 49 -6.15 -7.19 25.87
N ILE A 50 -6.11 -6.93 27.17
CA ILE A 50 -5.64 -5.65 27.69
C ILE A 50 -4.13 -5.77 27.89
N VAL A 51 -3.39 -4.81 27.33
CA VAL A 51 -1.93 -4.74 27.45
C VAL A 51 -1.65 -3.55 28.39
N TYR A 52 -0.89 -3.79 29.46
CA TYR A 52 -0.29 -2.77 30.31
C TYR A 52 1.14 -2.56 29.86
N CYS A 53 1.46 -1.38 29.36
CA CYS A 53 2.78 -1.17 28.79
C CYS A 53 3.33 0.08 29.38
N SER A 54 2.74 0.41 30.51
CA SER A 54 3.04 1.59 31.20
C SER A 54 4.43 1.63 31.88
N ASN A 55 5.04 0.47 32.06
CA ASN A 55 6.36 0.52 32.69
C ASN A 55 7.46 0.11 31.72
N ASP A 56 7.14 0.17 30.45
CA ASP A 56 7.90 -0.53 29.45
C ASP A 56 8.24 0.39 28.28
N LEU A 57 9.35 0.12 27.61
CA LEU A 57 9.64 0.83 26.38
C LEU A 57 8.46 0.93 25.40
N LEU A 58 7.64 -0.09 25.27
CA LEU A 58 6.53 -0.05 24.33
C LEU A 58 5.56 1.09 24.69
N GLY A 59 5.33 1.34 25.98
CA GLY A 59 4.46 2.45 26.38
C GLY A 59 5.00 3.81 26.00
N ASP A 60 6.31 3.98 26.19
CA ASP A 60 7.05 5.13 25.65
C ASP A 60 6.90 5.31 24.14
N LEU A 61 7.13 4.26 23.38
CA LEU A 61 7.05 4.36 21.91
C LEU A 61 5.62 4.71 21.38
N PHE A 62 4.65 3.93 21.84
CA PHE A 62 3.24 4.04 21.59
C PHE A 62 2.56 5.28 22.18
N GLY A 63 3.07 5.82 23.29
CA GLY A 63 2.54 7.05 23.86
C GLY A 63 1.37 6.83 24.84
N VAL A 64 1.15 5.59 25.29
CA VAL A 64 -0.05 5.21 26.09
C VAL A 64 0.33 4.24 27.20
N PRO A 65 -0.41 4.24 28.34
CA PRO A 65 0.00 3.36 29.40
C PRO A 65 -0.68 2.01 29.28
N SER A 66 -1.68 1.89 28.41
CA SER A 66 -2.24 0.59 28.06
C SER A 66 -3.21 0.71 26.92
N PHE A 67 -3.65 -0.45 26.42
CA PHE A 67 -4.59 -0.53 25.28
C PHE A 67 -5.01 -1.96 25.20
N SER A 68 -6.00 -2.22 24.34
CA SER A 68 -6.45 -3.57 24.09
C SER A 68 -6.15 -3.95 22.66
N VAL A 69 -5.90 -5.25 22.42
CA VAL A 69 -5.51 -5.69 21.10
C VAL A 69 -6.68 -5.48 20.15
N LYS A 70 -7.88 -5.25 20.70
CA LYS A 70 -9.09 -5.09 19.87
C LYS A 70 -9.25 -3.67 19.29
N GLU A 71 -8.44 -2.75 19.76
CA GLU A 71 -8.38 -1.41 19.23
C GLU A 71 -7.49 -1.34 18.00
N HIS A 72 -7.87 -2.01 16.94
CA HIS A 72 -6.97 -2.11 15.78
C HIS A 72 -6.53 -0.79 15.24
N ARG A 73 -7.45 0.14 15.05
CA ARG A 73 -7.11 1.48 14.53
C ARG A 73 -6.10 2.29 15.39
N LYS A 74 -6.30 2.29 16.71
CA LYS A 74 -5.36 2.88 17.64
C LYS A 74 -3.99 2.19 17.50
N ILE A 75 -3.95 0.87 17.44
CA ILE A 75 -2.67 0.16 17.33
C ILE A 75 -1.96 0.56 16.01
N TYR A 76 -2.68 0.52 14.87
CA TYR A 76 -2.08 0.96 13.63
C TYR A 76 -1.58 2.40 13.72
N THR A 77 -2.34 3.30 14.34
CA THR A 77 -1.93 4.71 14.46
C THR A 77 -0.64 4.81 15.32
N MET A 78 -0.60 4.11 16.46
CA MET A 78 0.56 4.15 17.35
C MET A 78 1.84 3.59 16.67
N ILE A 79 1.66 2.55 15.85
CA ILE A 79 2.72 2.01 14.94
C ILE A 79 3.27 3.02 13.96
N TYR A 80 2.39 3.78 13.28
CA TYR A 80 2.76 4.83 12.27
C TYR A 80 3.75 5.87 12.78
N ARG A 81 3.51 6.31 13.99
CA ARG A 81 4.36 7.21 14.76
C ARG A 81 5.77 6.68 14.93
N ASN A 82 5.88 5.36 15.02
CA ASN A 82 7.15 4.72 15.16
C ASN A 82 7.71 4.17 13.84
N LEU A 83 7.17 4.61 12.69
CA LEU A 83 7.73 4.31 11.38
C LEU A 83 8.44 5.51 10.73
N VAL A 84 9.61 5.30 10.15
CA VAL A 84 10.26 6.24 9.21
C VAL A 84 9.54 6.05 7.89
N THR C 2 -3.95 11.80 18.10
CA THR C 2 -2.90 11.73 17.02
C THR C 2 -3.44 12.10 15.65
N LEU C 3 -2.84 13.16 15.13
CA LEU C 3 -3.19 13.77 13.87
C LEU C 3 -2.24 13.32 12.82
N VAL C 4 -2.80 12.92 11.69
CA VAL C 4 -2.04 12.59 10.54
C VAL C 4 -2.24 13.68 9.52
N ARG C 5 -1.34 13.70 8.56
CA ARG C 5 -1.29 14.72 7.58
C ARG C 5 -1.16 14.13 6.14
N PRO C 6 -2.31 13.93 5.43
CA PRO C 6 -2.22 13.36 4.09
C PRO C 6 -1.20 14.05 3.20
N LYS C 7 -0.45 13.26 2.43
CA LYS C 7 0.34 13.81 1.34
C LYS C 7 -0.67 14.38 0.36
N PRO C 8 -0.18 15.04 -0.70
CA PRO C 8 -1.00 15.95 -1.47
C PRO C 8 -2.11 15.30 -2.27
N LEU C 9 -1.80 14.14 -2.86
CA LEU C 9 -2.79 13.33 -3.59
C LEU C 9 -3.94 12.76 -2.75
N LEU C 10 -3.61 12.21 -1.60
CA LEU C 10 -4.65 11.70 -0.70
C LEU C 10 -5.45 12.92 -0.26
N LEU C 11 -4.75 13.98 0.12
CA LEU C 11 -5.43 15.25 0.41
C LEU C 11 -6.43 15.67 -0.66
N LYS C 12 -6.05 15.56 -1.93
CA LYS C 12 -6.91 15.90 -3.06
C LYS C 12 -8.15 15.03 -3.01
N LEU C 13 -7.91 13.71 -2.94
CA LEU C 13 -9.00 12.77 -2.77
C LEU C 13 -9.94 13.18 -1.63
N LEU C 14 -9.38 13.60 -0.48
CA LEU C 14 -10.18 13.80 0.74
C LEU C 14 -10.98 15.08 0.67
N LYS C 15 -10.35 16.09 0.07
CA LYS C 15 -10.97 17.37 -0.16
C LYS C 15 -12.16 17.27 -1.06
N SER C 16 -12.10 16.32 -2.01
CA SER C 16 -13.11 16.26 -3.07
C SER C 16 -14.38 15.69 -2.51
N VAL C 17 -14.30 15.14 -1.28
CA VAL C 17 -15.49 14.62 -0.60
C VAL C 17 -15.77 15.31 0.73
N GLY C 18 -15.39 16.61 0.79
CA GLY C 18 -15.82 17.56 1.85
C GLY C 18 -14.82 17.95 2.92
N ALA C 19 -13.69 17.26 2.99
CA ALA C 19 -12.68 17.52 4.01
C ALA C 19 -12.08 18.88 3.72
N GLN C 20 -11.67 19.57 4.78
CA GLN C 20 -11.15 20.93 4.64
C GLN C 20 -9.78 21.04 5.26
N LYS C 21 -9.53 20.19 6.24
CA LYS C 21 -8.38 20.37 7.09
C LYS C 21 -7.12 19.92 6.33
N ASP C 22 -5.95 20.23 6.89
CA ASP C 22 -4.71 19.70 6.34
C ASP C 22 -4.32 18.50 7.13
N THR C 23 -4.97 18.29 8.29
CA THR C 23 -4.69 17.18 9.24
C THR C 23 -5.98 16.50 9.81
N TYR C 24 -5.90 15.21 10.14
CA TYR C 24 -7.07 14.38 10.43
C TYR C 24 -6.76 13.29 11.42
N THR C 25 -7.77 12.83 12.14
CA THR C 25 -7.59 11.52 12.76
C THR C 25 -7.73 10.36 11.75
N MET C 26 -7.13 9.22 12.06
CA MET C 26 -7.39 8.07 11.25
C MET C 26 -8.91 7.86 11.11
N LYS C 27 -9.66 7.98 12.21
CA LYS C 27 -11.14 7.98 12.14
C LYS C 27 -11.65 8.76 10.91
N GLU C 28 -11.32 10.06 10.80
CA GLU C 28 -11.76 10.86 9.68
C GLU C 28 -11.24 10.41 8.35
N VAL C 29 -9.96 10.01 8.31
CA VAL C 29 -9.37 9.68 7.05
C VAL C 29 -10.13 8.53 6.41
N LEU C 30 -10.50 7.56 7.24
CA LEU C 30 -11.26 6.38 6.81
C LEU C 30 -12.70 6.77 6.33
N PHE C 31 -13.34 7.61 7.11
CA PHE C 31 -14.67 8.11 6.76
C PHE C 31 -14.70 8.69 5.35
N TYR C 32 -13.86 9.69 5.09
CA TYR C 32 -13.81 10.34 3.79
C TYR C 32 -13.47 9.39 2.68
N LEU C 33 -12.63 8.41 2.98
CA LEU C 33 -12.23 7.43 1.99
C LEU C 33 -13.44 6.62 1.66
N GLY C 34 -14.15 6.14 2.68
CA GLY C 34 -15.43 5.46 2.46
C GLY C 34 -16.26 6.35 1.52
N GLN C 35 -16.43 7.61 1.93
CA GLN C 35 -17.24 8.56 1.12
C GLN C 35 -16.80 8.48 -0.32
N TYR C 36 -15.49 8.45 -0.53
CA TYR C 36 -14.97 8.63 -1.85
C TYR C 36 -15.34 7.44 -2.73
N ILE C 37 -15.15 6.24 -2.18
CA ILE C 37 -15.30 4.99 -2.90
C ILE C 37 -16.78 4.86 -3.28
N MET C 38 -17.59 5.07 -2.26
CA MET C 38 -18.99 4.94 -2.35
C MET C 38 -19.66 6.01 -3.21
N THR C 39 -19.20 7.26 -3.15
CA THR C 39 -19.82 8.27 -4.01
C THR C 39 -19.40 8.17 -5.48
N LYS C 40 -18.33 7.45 -5.78
CA LYS C 40 -17.95 7.28 -7.19
C LYS C 40 -18.32 5.90 -7.69
N ARG C 41 -18.85 5.07 -6.77
CA ARG C 41 -19.20 3.65 -6.97
C ARG C 41 -18.01 2.85 -7.52
N LEU C 42 -16.88 2.91 -6.84
CA LEU C 42 -15.72 2.09 -7.24
C LEU C 42 -15.91 0.62 -6.88
N TYR C 43 -16.77 0.34 -5.92
CA TYR C 43 -17.04 -1.05 -5.58
C TYR C 43 -17.94 -1.82 -6.60
N ASP C 44 -17.63 -3.10 -6.74
CA ASP C 44 -18.43 -4.02 -7.57
C ASP C 44 -19.85 -4.07 -7.04
N GLU C 45 -20.82 -3.91 -7.94
CA GLU C 45 -22.23 -4.02 -7.58
C GLU C 45 -22.49 -5.40 -6.92
N LYS C 46 -21.95 -6.47 -7.54
CA LYS C 46 -22.32 -7.87 -7.23
C LYS C 46 -21.61 -8.46 -6.02
N GLN C 47 -20.33 -8.12 -5.85
CA GLN C 47 -19.58 -8.59 -4.68
C GLN C 47 -19.00 -7.33 -4.08
N GLN C 48 -19.82 -6.71 -3.24
CA GLN C 48 -19.57 -5.30 -2.82
C GLN C 48 -18.38 -5.00 -1.95
N HIS C 49 -17.74 -6.00 -1.35
CA HIS C 49 -16.52 -5.78 -0.59
C HIS C 49 -15.28 -5.46 -1.46
N ILE C 50 -15.36 -5.66 -2.76
CA ILE C 50 -14.27 -5.34 -3.64
C ILE C 50 -14.38 -3.91 -4.17
N VAL C 51 -13.30 -3.18 -4.06
CA VAL C 51 -13.18 -1.87 -4.62
C VAL C 51 -12.26 -1.98 -5.86
N TYR C 52 -12.75 -1.56 -7.02
CA TYR C 52 -11.95 -1.50 -8.27
C TYR C 52 -11.50 -0.08 -8.53
N CYS C 53 -10.18 0.16 -8.47
CA CYS C 53 -9.61 1.48 -8.65
C CYS C 53 -8.56 1.59 -9.77
N SER C 54 -8.51 0.62 -10.70
CA SER C 54 -7.53 0.73 -11.79
C SER C 54 -7.78 1.96 -12.65
N ASN C 55 -9.03 2.37 -12.82
CA ASN C 55 -9.35 3.58 -13.58
C ASN C 55 -9.49 4.83 -12.69
N ASP C 56 -8.90 4.83 -11.50
CA ASP C 56 -9.20 5.92 -10.59
C ASP C 56 -7.96 6.43 -9.86
N LEU C 57 -8.03 7.69 -9.41
CA LEU C 57 -7.06 8.35 -8.56
C LEU C 57 -6.62 7.45 -7.42
N LEU C 58 -7.56 6.74 -6.81
CA LEU C 58 -7.26 5.89 -5.67
C LEU C 58 -6.27 4.75 -5.97
N GLY C 59 -6.28 4.22 -7.20
CA GLY C 59 -5.47 3.05 -7.53
C GLY C 59 -4.03 3.50 -7.59
N ASP C 60 -3.88 4.74 -8.04
CA ASP C 60 -2.60 5.44 -8.14
C ASP C 60 -1.97 5.70 -6.77
N LEU C 61 -2.78 6.10 -5.80
CA LEU C 61 -2.19 6.28 -4.45
C LEU C 61 -2.01 5.01 -3.64
N PHE C 62 -2.97 4.10 -3.73
CA PHE C 62 -2.79 2.79 -3.16
C PHE C 62 -1.77 1.89 -3.93
N GLY C 63 -1.60 2.02 -5.25
CA GLY C 63 -0.72 1.11 -5.97
C GLY C 63 -1.31 -0.28 -6.18
N VAL C 64 -2.63 -0.47 -6.05
CA VAL C 64 -3.25 -1.77 -6.40
C VAL C 64 -4.39 -1.56 -7.42
N PRO C 65 -4.69 -2.58 -8.27
CA PRO C 65 -5.81 -2.40 -9.19
C PRO C 65 -7.17 -2.58 -8.48
N SER C 66 -7.15 -3.19 -7.30
CA SER C 66 -8.35 -3.49 -6.54
C SER C 66 -7.89 -3.97 -5.22
N PHE C 67 -8.77 -3.93 -4.24
CA PHE C 67 -8.49 -4.37 -2.91
C PHE C 67 -9.83 -4.66 -2.30
N SER C 68 -9.84 -5.37 -1.19
CA SER C 68 -11.09 -5.78 -0.55
C SER C 68 -11.14 -5.04 0.77
N VAL C 69 -12.31 -4.47 1.04
CA VAL C 69 -12.59 -3.78 2.29
C VAL C 69 -12.30 -4.66 3.53
N LYS C 70 -12.27 -5.98 3.39
CA LYS C 70 -12.00 -6.82 4.57
C LYS C 70 -10.49 -6.97 4.83
N GLU C 71 -9.67 -6.45 3.92
CA GLU C 71 -8.21 -6.53 4.10
C GLU C 71 -7.79 -5.31 4.87
N HIS C 72 -8.03 -5.27 6.18
CA HIS C 72 -7.64 -4.07 6.96
C HIS C 72 -6.13 -3.77 7.00
N ARG C 73 -5.31 -4.80 7.19
CA ARG C 73 -3.86 -4.54 7.24
C ARG C 73 -3.36 -3.89 5.95
N LYS C 74 -3.78 -4.43 4.82
CA LYS C 74 -3.42 -3.80 3.54
C LYS C 74 -3.92 -2.35 3.45
N ILE C 75 -5.12 -2.09 3.93
CA ILE C 75 -5.64 -0.71 3.83
C ILE C 75 -4.82 0.30 4.65
N TYR C 76 -4.50 -0.06 5.89
CA TYR C 76 -3.71 0.82 6.71
C TYR C 76 -2.27 0.98 6.09
N THR C 77 -1.74 -0.09 5.53
CA THR C 77 -0.42 0.00 4.94
C THR C 77 -0.48 0.89 3.73
N MET C 78 -1.49 0.70 2.88
CA MET C 78 -1.55 1.53 1.69
C MET C 78 -1.80 2.98 2.11
N ILE C 79 -2.48 3.17 3.24
CA ILE C 79 -2.70 4.51 3.68
C ILE C 79 -1.47 5.22 4.23
N TYR C 80 -0.66 4.54 5.05
CA TYR C 80 0.60 5.10 5.60
C TYR C 80 1.52 5.66 4.52
N ARG C 81 1.67 4.98 3.38
CA ARG C 81 2.52 5.51 2.30
C ARG C 81 2.08 6.87 1.73
N ASN C 82 0.82 7.26 2.01
CA ASN C 82 0.26 8.55 1.56
C ASN C 82 0.09 9.48 2.75
N LEU C 83 0.90 9.28 3.76
CA LEU C 83 0.79 10.11 4.96
C LEU C 83 2.12 10.66 5.35
N VAL C 84 2.08 11.77 6.10
CA VAL C 84 3.18 12.14 7.03
C VAL C 84 2.78 12.16 8.52
N THR E 2 -11.98 -12.01 -18.99
CA THR E 2 -10.81 -12.68 -19.66
C THR E 2 -9.52 -12.61 -18.84
N LEU E 3 -9.04 -13.76 -18.37
CA LEU E 3 -7.76 -13.84 -17.63
C LEU E 3 -6.57 -14.16 -18.54
N VAL E 4 -5.61 -13.23 -18.61
CA VAL E 4 -4.38 -13.52 -19.35
C VAL E 4 -3.23 -14.01 -18.43
N ARG E 5 -2.21 -14.62 -19.02
CA ARG E 5 -1.12 -15.20 -18.23
C ARG E 5 0.21 -14.77 -18.81
N PRO E 6 0.91 -13.86 -18.09
CA PRO E 6 2.18 -13.37 -18.57
C PRO E 6 3.31 -14.42 -18.60
N LYS E 7 4.11 -14.32 -19.66
CA LYS E 7 5.40 -14.95 -19.78
C LYS E 7 6.33 -14.30 -18.79
N PRO E 8 7.49 -14.92 -18.56
CA PRO E 8 8.10 -14.61 -17.29
C PRO E 8 8.80 -13.27 -17.17
N LEU E 9 9.22 -12.65 -18.27
CA LEU E 9 9.79 -11.29 -18.22
C LEU E 9 8.69 -10.27 -17.94
N LEU E 10 7.55 -10.40 -18.62
CA LEU E 10 6.45 -9.52 -18.28
C LEU E 10 6.03 -9.74 -16.85
N LEU E 11 5.89 -11.00 -16.42
CA LEU E 11 5.55 -11.30 -15.03
C LEU E 11 6.48 -10.59 -14.04
N LYS E 12 7.78 -10.67 -14.31
CA LYS E 12 8.81 -10.02 -13.47
C LYS E 12 8.52 -8.51 -13.34
N LEU E 13 8.24 -7.88 -14.47
CA LEU E 13 7.97 -6.46 -14.53
C LEU E 13 6.79 -6.06 -13.65
N LEU E 14 5.68 -6.81 -13.73
CA LEU E 14 4.51 -6.52 -12.90
C LEU E 14 4.71 -6.83 -11.39
N LYS E 15 5.50 -7.87 -11.09
CA LYS E 15 5.69 -8.27 -9.69
C LYS E 15 6.53 -7.23 -8.94
N SER E 16 7.34 -6.50 -9.72
CA SER E 16 8.30 -5.53 -9.19
C SER E 16 7.62 -4.20 -8.83
N VAL E 17 6.37 -4.06 -9.28
CA VAL E 17 5.48 -2.98 -8.85
C VAL E 17 4.30 -3.51 -8.00
N GLY E 18 4.40 -4.75 -7.53
CA GLY E 18 3.51 -5.22 -6.44
C GLY E 18 2.55 -6.37 -6.71
N ALA E 19 2.52 -6.87 -7.94
CA ALA E 19 1.57 -7.90 -8.36
C ALA E 19 2.00 -9.24 -7.77
N GLN E 20 1.03 -10.09 -7.39
CA GLN E 20 1.38 -11.33 -6.69
C GLN E 20 0.74 -12.63 -7.20
N LYS E 21 0.29 -12.63 -8.45
CA LYS E 21 -0.51 -13.71 -9.03
C LYS E 21 0.10 -14.20 -10.39
N ASP E 22 -0.38 -15.31 -10.93
CA ASP E 22 0.01 -15.75 -12.26
C ASP E 22 -0.93 -15.28 -13.36
N THR E 23 -2.14 -14.88 -12.97
CA THR E 23 -3.13 -14.45 -13.99
C THR E 23 -3.78 -13.11 -13.68
N TYR E 24 -4.18 -12.43 -14.75
CA TYR E 24 -4.55 -11.05 -14.71
C TYR E 24 -5.56 -10.69 -15.79
N THR E 25 -6.50 -9.79 -15.46
CA THR E 25 -7.25 -9.12 -16.49
C THR E 25 -6.29 -8.22 -17.23
N MET E 26 -6.67 -7.86 -18.45
CA MET E 26 -5.98 -6.83 -19.20
C MET E 26 -5.92 -5.50 -18.46
N LYS E 27 -6.99 -5.14 -17.74
CA LYS E 27 -6.95 -3.90 -16.96
C LYS E 27 -5.80 -3.99 -15.99
N GLU E 28 -5.65 -5.13 -15.32
CA GLU E 28 -4.62 -5.25 -14.28
C GLU E 28 -3.26 -5.14 -14.88
N VAL E 29 -3.08 -5.78 -16.03
CA VAL E 29 -1.77 -5.77 -16.67
C VAL E 29 -1.39 -4.35 -17.01
N LEU E 30 -2.33 -3.61 -17.59
CA LEU E 30 -2.13 -2.24 -18.03
C LEU E 30 -1.84 -1.33 -16.84
N PHE E 31 -2.60 -1.52 -15.76
CA PHE E 31 -2.41 -0.78 -14.50
C PHE E 31 -0.96 -0.88 -14.04
N TYR E 32 -0.50 -2.13 -13.92
CA TYR E 32 0.85 -2.40 -13.41
C TYR E 32 1.90 -1.86 -14.34
N LEU E 33 1.63 -1.96 -15.63
CA LEU E 33 2.47 -1.41 -16.66
C LEU E 33 2.68 0.11 -16.47
N GLY E 34 1.58 0.85 -16.27
CA GLY E 34 1.65 2.27 -16.02
C GLY E 34 2.27 2.56 -14.64
N GLN E 35 2.07 1.66 -13.66
CA GLN E 35 2.72 1.91 -12.35
C GLN E 35 4.21 1.80 -12.58
N TYR E 36 4.63 0.70 -13.20
CA TYR E 36 6.02 0.51 -13.52
C TYR E 36 6.67 1.71 -14.21
N ILE E 37 6.09 2.19 -15.30
CA ILE E 37 6.73 3.28 -16.06
C ILE E 37 6.83 4.57 -15.27
N MET E 38 5.78 4.83 -14.52
CA MET E 38 5.62 5.98 -13.64
C MET E 38 6.70 5.95 -12.56
N THR E 39 6.77 4.87 -11.79
CA THR E 39 7.67 4.84 -10.63
C THR E 39 9.18 4.82 -10.99
N LYS E 40 9.53 4.32 -12.19
CA LYS E 40 10.91 4.36 -12.67
C LYS E 40 11.22 5.62 -13.48
N ARG E 41 10.25 6.54 -13.53
CA ARG E 41 10.32 7.76 -14.35
C ARG E 41 10.90 7.61 -15.79
N LEU E 42 10.46 6.58 -16.51
CA LEU E 42 10.88 6.29 -17.91
C LEU E 42 10.34 7.25 -18.95
N TYR E 43 9.40 8.08 -18.56
CA TYR E 43 8.83 9.04 -19.48
C TYR E 43 9.72 10.26 -19.48
N ASP E 44 9.76 10.98 -20.60
CA ASP E 44 10.50 12.20 -20.75
C ASP E 44 9.69 13.31 -20.08
N GLU E 45 10.34 14.13 -19.24
CA GLU E 45 9.59 15.10 -18.43
C GLU E 45 8.91 16.14 -19.32
N LYS E 46 9.50 16.35 -20.51
CA LYS E 46 9.10 17.43 -21.42
C LYS E 46 8.05 16.97 -22.41
N GLN E 47 8.03 15.66 -22.64
CA GLN E 47 7.10 14.97 -23.55
C GLN E 47 6.65 13.72 -22.83
N GLN E 48 5.60 13.89 -22.02
CA GLN E 48 5.26 12.92 -21.02
C GLN E 48 4.53 11.76 -21.63
N HIS E 49 3.99 11.96 -22.83
CA HIS E 49 3.37 10.86 -23.56
C HIS E 49 4.40 9.85 -24.06
N ILE E 50 5.67 10.25 -24.08
CA ILE E 50 6.72 9.41 -24.66
C ILE E 50 7.55 8.66 -23.63
N VAL E 51 7.47 7.32 -23.65
CA VAL E 51 8.26 6.46 -22.75
C VAL E 51 9.56 6.06 -23.42
N TYR E 52 10.69 6.29 -22.74
CA TYR E 52 12.02 5.89 -23.21
C TYR E 52 12.52 4.70 -22.43
N CYS E 53 12.68 3.56 -23.09
CA CYS E 53 12.87 2.31 -22.36
C CYS E 53 14.04 1.44 -22.81
N SER E 54 14.90 1.98 -23.67
CA SER E 54 16.09 1.25 -24.11
C SER E 54 17.01 1.09 -22.90
N ASN E 55 17.77 -0.02 -22.88
CA ASN E 55 18.54 -0.46 -21.71
C ASN E 55 17.72 -0.65 -20.42
N ASP E 56 16.41 -0.83 -20.59
CA ASP E 56 15.55 -1.24 -19.51
C ASP E 56 14.77 -2.49 -19.90
N LEU E 57 14.52 -3.36 -18.92
CA LEU E 57 13.64 -4.52 -19.11
C LEU E 57 12.46 -4.24 -20.07
N LEU E 58 11.80 -3.10 -19.92
CA LEU E 58 10.67 -2.77 -20.76
C LEU E 58 11.09 -2.74 -22.22
N GLY E 59 12.11 -1.95 -22.55
CA GLY E 59 12.65 -1.96 -23.91
C GLY E 59 12.89 -3.36 -24.47
N ASP E 60 13.21 -4.32 -23.59
CA ASP E 60 13.42 -5.72 -24.00
C ASP E 60 12.13 -6.40 -24.46
N LEU E 61 11.08 -6.40 -23.62
CA LEU E 61 9.76 -6.93 -24.01
C LEU E 61 9.24 -6.24 -25.26
N PHE E 62 9.48 -4.94 -25.29
CA PHE E 62 8.98 -4.08 -26.35
C PHE E 62 9.82 -4.06 -27.66
N GLY E 63 11.12 -4.39 -27.57
CA GLY E 63 12.00 -4.48 -28.75
C GLY E 63 12.16 -3.17 -29.53
N VAL E 64 12.02 -2.05 -28.82
CA VAL E 64 12.05 -0.68 -29.40
C VAL E 64 12.68 0.27 -28.37
N PRO E 65 13.42 1.28 -28.83
CA PRO E 65 13.97 2.21 -27.82
C PRO E 65 12.90 3.04 -27.10
N SER E 66 11.83 3.36 -27.80
CA SER E 66 10.83 4.27 -27.24
C SER E 66 9.43 3.97 -27.78
N PHE E 67 8.42 4.65 -27.23
CA PHE E 67 7.06 4.56 -27.74
C PHE E 67 6.18 5.61 -27.07
N SER E 68 5.11 6.00 -27.76
CA SER E 68 4.06 6.83 -27.16
C SER E 68 2.95 5.99 -26.51
N VAL E 69 2.48 6.44 -25.35
CA VAL E 69 1.28 5.93 -24.71
C VAL E 69 0.04 6.05 -25.63
N LYS E 70 0.08 6.95 -26.60
CA LYS E 70 -1.00 7.02 -27.59
C LYS E 70 -0.98 5.82 -28.57
N GLU E 71 0.09 5.04 -28.57
CA GLU E 71 0.19 3.92 -29.51
C GLU E 71 -0.40 2.64 -28.93
N HIS E 72 -1.73 2.62 -28.86
CA HIS E 72 -2.41 1.45 -28.27
C HIS E 72 -1.98 0.21 -28.99
N ARG E 73 -1.97 0.23 -30.33
CA ARG E 73 -1.78 -1.01 -31.05
C ARG E 73 -0.38 -1.59 -30.83
N LYS E 74 0.65 -0.75 -30.86
CA LYS E 74 2.01 -1.17 -30.48
C LYS E 74 2.06 -1.79 -29.08
N ILE E 75 1.38 -1.16 -28.12
CA ILE E 75 1.42 -1.59 -26.76
C ILE E 75 0.75 -2.95 -26.64
N TYR E 76 -0.54 -3.01 -27.00
CA TYR E 76 -1.30 -4.28 -27.09
C TYR E 76 -0.54 -5.40 -27.79
N THR E 77 0.08 -5.07 -28.91
CA THR E 77 0.87 -6.05 -29.66
C THR E 77 2.10 -6.56 -28.88
N MET E 78 2.92 -5.65 -28.39
CA MET E 78 4.00 -6.05 -27.47
C MET E 78 3.47 -6.92 -26.31
N ILE E 79 2.26 -6.63 -25.80
CA ILE E 79 1.70 -7.47 -24.72
C ILE E 79 1.28 -8.88 -25.19
N TYR E 80 0.79 -9.00 -26.41
CA TYR E 80 0.58 -10.30 -27.07
C TYR E 80 1.84 -11.12 -27.21
N ARG E 81 2.90 -10.49 -27.75
CA ARG E 81 4.18 -11.19 -27.84
C ARG E 81 4.55 -11.81 -26.50
N ASN E 82 3.97 -11.29 -25.41
CA ASN E 82 4.39 -11.66 -24.06
C ASN E 82 3.32 -12.36 -23.17
N LEU E 83 2.48 -13.22 -23.78
CA LEU E 83 1.44 -13.99 -23.04
C LEU E 83 1.39 -15.50 -23.23
N VAL E 84 0.53 -16.14 -22.41
CA VAL E 84 0.24 -17.58 -22.39
C VAL E 84 1.49 -18.42 -22.56
#